data_1D54
# 
_entry.id   1D54 
# 
_audit_conform.dict_name       mmcif_pdbx.dic 
_audit_conform.dict_version    5.385 
_audit_conform.dict_location   http://mmcif.pdb.org/dictionaries/ascii/mmcif_pdbx.dic 
# 
loop_
_database_2.database_id 
_database_2.database_code 
_database_2.pdbx_database_accession 
_database_2.pdbx_DOI 
PDB   1D54         pdb_00001d54 10.2210/pdb1d54/pdb 
RCSB  DDF035       ?            ?                   
WWPDB D_1000172655 ?            ?                   
# 
loop_
_pdbx_audit_revision_history.ordinal 
_pdbx_audit_revision_history.data_content_type 
_pdbx_audit_revision_history.major_revision 
_pdbx_audit_revision_history.minor_revision 
_pdbx_audit_revision_history.revision_date 
1 'Structure model' 1 0 1993-04-15 
2 'Structure model' 1 1 2008-05-22 
3 'Structure model' 1 2 2011-07-13 
4 'Structure model' 1 3 2024-02-07 
# 
_pdbx_audit_revision_details.ordinal             1 
_pdbx_audit_revision_details.revision_ordinal    1 
_pdbx_audit_revision_details.data_content_type   'Structure model' 
_pdbx_audit_revision_details.provider            repository 
_pdbx_audit_revision_details.type                'Initial release' 
_pdbx_audit_revision_details.description         ? 
_pdbx_audit_revision_details.details             ? 
# 
loop_
_pdbx_audit_revision_group.ordinal 
_pdbx_audit_revision_group.revision_ordinal 
_pdbx_audit_revision_group.data_content_type 
_pdbx_audit_revision_group.group 
1 2 'Structure model' 'Version format compliance' 
2 3 'Structure model' 'Version format compliance' 
3 4 'Structure model' 'Data collection'           
4 4 'Structure model' 'Database references'       
5 4 'Structure model' 'Derived calculations'      
# 
loop_
_pdbx_audit_revision_category.ordinal 
_pdbx_audit_revision_category.revision_ordinal 
_pdbx_audit_revision_category.data_content_type 
_pdbx_audit_revision_category.category 
1 4 'Structure model' chem_comp_atom 
2 4 'Structure model' chem_comp_bond 
3 4 'Structure model' database_2     
4 4 'Structure model' struct_site    
# 
loop_
_pdbx_audit_revision_item.ordinal 
_pdbx_audit_revision_item.revision_ordinal 
_pdbx_audit_revision_item.data_content_type 
_pdbx_audit_revision_item.item 
1 4 'Structure model' '_database_2.pdbx_DOI'                
2 4 'Structure model' '_database_2.pdbx_database_accession' 
3 4 'Structure model' '_struct_site.pdbx_auth_asym_id'      
4 4 'Structure model' '_struct_site.pdbx_auth_comp_id'      
5 4 'Structure model' '_struct_site.pdbx_auth_seq_id'       
# 
_pdbx_database_status.status_code                     REL 
_pdbx_database_status.entry_id                        1D54 
_pdbx_database_status.recvd_initial_deposition_date   1992-01-06 
_pdbx_database_status.deposit_site                    BNL 
_pdbx_database_status.process_site                    NDB 
_pdbx_database_status.status_code_sf                  REL 
_pdbx_database_status.status_code_mr                  ? 
_pdbx_database_status.SG_entry                        ? 
_pdbx_database_status.pdb_format_compatible           Y 
_pdbx_database_status.status_code_cs                  ? 
_pdbx_database_status.status_code_nmr_data            ? 
_pdbx_database_status.methods_development_category    ? 
# 
loop_
_audit_author.name 
_audit_author.pdbx_ordinal 
'Leonard, G.A.' 1 
'Brown, T.'     2 
'Hunter, W.N.'  3 
# 
_citation.id                        primary 
_citation.title                     
;Anthracycline binding to DNA. High-resolution structure of d(TGTACA) complexed with 4'-epiadriamycin.
;
_citation.journal_abbrev            Eur.J.Biochem. 
_citation.journal_volume            204 
_citation.page_first                69 
_citation.page_last                 74 
_citation.year                      1992 
_citation.journal_id_ASTM           EJBCAI 
_citation.country                   IX 
_citation.journal_id_ISSN           0014-2956 
_citation.journal_id_CSD            0262 
_citation.book_publisher            ? 
_citation.pdbx_database_id_PubMed   1740157 
_citation.pdbx_database_id_DOI      10.1111/j.1432-1033.1992.tb16606.x 
# 
loop_
_citation_author.citation_id 
_citation_author.name 
_citation_author.ordinal 
_citation_author.identifier_ORCID 
primary 'Leonard, G.A.' 1 ? 
primary 'Brown, T.'     2 ? 
primary 'Hunter, W.N.'  3 ? 
# 
loop_
_entity.id 
_entity.type 
_entity.src_method 
_entity.pdbx_description 
_entity.formula_weight 
_entity.pdbx_number_of_molecules 
_entity.pdbx_ec 
_entity.pdbx_mutation 
_entity.pdbx_fragment 
_entity.details 
1 polymer     syn 
;DNA (5'-D(*TP*GP*TP*AP*CP*A)-3')
;
1808.229 1  ? ? ? ? 
2 non-polymer syn "4'-EPIDOXORUBICIN"                544.527  1  ? ? ? ? 
3 water       nat water                              18.015   33 ? ? ? ? 
# 
_entity_poly.entity_id                      1 
_entity_poly.type                           polydeoxyribonucleotide 
_entity_poly.nstd_linkage                   no 
_entity_poly.nstd_monomer                   no 
_entity_poly.pdbx_seq_one_letter_code       '(DT)(DG)(DT)(DA)(DC)(DA)' 
_entity_poly.pdbx_seq_one_letter_code_can   TGTACA 
_entity_poly.pdbx_strand_id                 A 
_entity_poly.pdbx_target_identifier         ? 
# 
loop_
_pdbx_entity_nonpoly.entity_id 
_pdbx_entity_nonpoly.name 
_pdbx_entity_nonpoly.comp_id 
2 "4'-EPIDOXORUBICIN" DM6 
3 water               HOH 
# 
loop_
_entity_poly_seq.entity_id 
_entity_poly_seq.num 
_entity_poly_seq.mon_id 
_entity_poly_seq.hetero 
1 1 DT n 
1 2 DG n 
1 3 DT n 
1 4 DA n 
1 5 DC n 
1 6 DA n 
# 
loop_
_chem_comp.id 
_chem_comp.type 
_chem_comp.mon_nstd_flag 
_chem_comp.name 
_chem_comp.pdbx_synonyms 
_chem_comp.formula 
_chem_comp.formula_weight 
DA  'DNA linking' y "2'-DEOXYADENOSINE-5'-MONOPHOSPHATE" ?                  'C10 H14 N5 O6 P' 331.222 
DC  'DNA linking' y "2'-DEOXYCYTIDINE-5'-MONOPHOSPHATE"  ?                  'C9 H14 N3 O7 P'  307.197 
DG  'DNA linking' y "2'-DEOXYGUANOSINE-5'-MONOPHOSPHATE" ?                  'C10 H14 N5 O7 P' 347.221 
DM6 non-polymer   . "4'-EPIDOXORUBICIN"                  "4'-EPIADRIAMYCIN" 'C27 H30 N O11 1' 544.527 
DT  'DNA linking' y "THYMIDINE-5'-MONOPHOSPHATE"         ?                  'C10 H15 N2 O8 P' 322.208 
HOH non-polymer   . WATER                                ?                  'H2 O'            18.015  
# 
loop_
_pdbx_poly_seq_scheme.asym_id 
_pdbx_poly_seq_scheme.entity_id 
_pdbx_poly_seq_scheme.seq_id 
_pdbx_poly_seq_scheme.mon_id 
_pdbx_poly_seq_scheme.ndb_seq_num 
_pdbx_poly_seq_scheme.pdb_seq_num 
_pdbx_poly_seq_scheme.auth_seq_num 
_pdbx_poly_seq_scheme.pdb_mon_id 
_pdbx_poly_seq_scheme.auth_mon_id 
_pdbx_poly_seq_scheme.pdb_strand_id 
_pdbx_poly_seq_scheme.pdb_ins_code 
_pdbx_poly_seq_scheme.hetero 
A 1 1 DT 1 1 1 DT T A . n 
A 1 2 DG 2 2 2 DG G A . n 
A 1 3 DT 3 3 3 DT T A . n 
A 1 4 DA 4 4 4 DA A A . n 
A 1 5 DC 5 5 5 DC C A . n 
A 1 6 DA 6 6 6 DA A A . n 
# 
loop_
_pdbx_nonpoly_scheme.asym_id 
_pdbx_nonpoly_scheme.entity_id 
_pdbx_nonpoly_scheme.mon_id 
_pdbx_nonpoly_scheme.ndb_seq_num 
_pdbx_nonpoly_scheme.pdb_seq_num 
_pdbx_nonpoly_scheme.auth_seq_num 
_pdbx_nonpoly_scheme.pdb_mon_id 
_pdbx_nonpoly_scheme.auth_mon_id 
_pdbx_nonpoly_scheme.pdb_strand_id 
_pdbx_nonpoly_scheme.pdb_ins_code 
B 2 DM6 1  7  7  DM6 DM6 A . 
C 3 HOH 1  8  8  HOH HOH A . 
C 3 HOH 2  9  9  HOH HOH A . 
C 3 HOH 3  10 10 HOH HOH A . 
C 3 HOH 4  11 11 HOH HOH A . 
C 3 HOH 5  12 12 HOH HOH A . 
C 3 HOH 6  13 13 HOH HOH A . 
C 3 HOH 7  14 14 HOH HOH A . 
C 3 HOH 8  15 15 HOH HOH A . 
C 3 HOH 9  16 16 HOH HOH A . 
C 3 HOH 10 17 17 HOH HOH A . 
C 3 HOH 11 18 18 HOH HOH A . 
C 3 HOH 12 19 19 HOH HOH A . 
C 3 HOH 13 20 20 HOH HOH A . 
C 3 HOH 14 21 21 HOH HOH A . 
C 3 HOH 15 22 22 HOH HOH A . 
C 3 HOH 16 23 23 HOH HOH A . 
C 3 HOH 17 24 24 HOH HOH A . 
C 3 HOH 18 25 25 HOH HOH A . 
C 3 HOH 19 26 26 HOH HOH A . 
C 3 HOH 20 27 27 HOH HOH A . 
C 3 HOH 21 28 28 HOH HOH A . 
C 3 HOH 22 29 29 HOH HOH A . 
C 3 HOH 23 30 30 HOH HOH A . 
C 3 HOH 24 31 31 HOH HOH A . 
C 3 HOH 25 32 32 HOH HOH A . 
C 3 HOH 26 33 33 HOH HOH A . 
C 3 HOH 27 34 34 HOH HOH A . 
C 3 HOH 28 35 35 HOH HOH A . 
C 3 HOH 29 36 36 HOH HOH A . 
C 3 HOH 30 37 37 HOH HOH A . 
C 3 HOH 31 38 38 HOH HOH A . 
C 3 HOH 32 39 39 HOH HOH A . 
C 3 HOH 33 40 40 HOH HOH A . 
# 
_software.name             NUCLSQ 
_software.classification   refinement 
_software.version          . 
_software.citation_id      ? 
_software.pdbx_ordinal     1 
# 
_cell.entry_id           1D54 
_cell.length_a           28.020 
_cell.length_b           28.020 
_cell.length_c           52.930 
_cell.angle_alpha        90.00 
_cell.angle_beta         90.00 
_cell.angle_gamma        90.00 
_cell.Z_PDB              8 
_cell.pdbx_unique_axis   ? 
# 
_symmetry.entry_id                         1D54 
_symmetry.space_group_name_H-M             'P 41 21 2' 
_symmetry.pdbx_full_space_group_name_H-M   ? 
_symmetry.cell_setting                     ? 
_symmetry.Int_Tables_number                92 
# 
_exptl.entry_id          1D54 
_exptl.method            'X-RAY DIFFRACTION' 
_exptl.crystals_number   ? 
# 
_exptl_crystal.id                    1 
_exptl_crystal.density_meas          ? 
_exptl_crystal.density_Matthews      2.87 
_exptl_crystal.density_percent_sol   57.18 
_exptl_crystal.description           ? 
# 
_exptl_crystal_grow.crystal_id      1 
_exptl_crystal_grow.method          'VAPOR DIFFUSION' 
_exptl_crystal_grow.temp            277.00 
_exptl_crystal_grow.temp_details    ? 
_exptl_crystal_grow.pH              6.50 
_exptl_crystal_grow.pdbx_details    'pH 6.50, VAPOR DIFFUSION, temperature 277.00K' 
_exptl_crystal_grow.pdbx_pH_range   ? 
# 
loop_
_exptl_crystal_grow_comp.crystal_id 
_exptl_crystal_grow_comp.id 
_exptl_crystal_grow_comp.sol_id 
_exptl_crystal_grow_comp.name 
_exptl_crystal_grow_comp.volume 
_exptl_crystal_grow_comp.conc 
_exptl_crystal_grow_comp.details 
1 1 1 WATER           ? ? ? 
1 2 1 MPD             ? ? ? 
1 3 1 'NA CACODYLATE' ? ? ? 
1 4 1 'MG ACETATE'    ? ? ? 
1 5 1 SPERMINE_HCL    ? ? ? 
1 6 2 WATER           ? ? ? 
1 7 2 MPD             ? ? ? 
# 
_diffrn.id                     1 
_diffrn.ambient_temp           297.00 
_diffrn.ambient_temp_details   ? 
_diffrn.crystal_id             1 
# 
_diffrn_detector.diffrn_id              1 
_diffrn_detector.detector               DIFFRACTOMETER 
_diffrn_detector.type                   'RIGAKU AFC-5' 
_diffrn_detector.pdbx_collection_date   ? 
_diffrn_detector.details                ? 
# 
_diffrn_radiation.diffrn_id                        1 
_diffrn_radiation.wavelength_id                    1 
_diffrn_radiation.pdbx_monochromatic_or_laue_m_l   ? 
_diffrn_radiation.monochromator                    ? 
_diffrn_radiation.pdbx_diffrn_protocol             ? 
_diffrn_radiation.pdbx_scattering_type             x-ray 
# 
_diffrn_radiation_wavelength.id           1 
_diffrn_radiation_wavelength.wavelength   1.5418 
_diffrn_radiation_wavelength.wt           1.0 
# 
_diffrn_source.diffrn_id                   1 
_diffrn_source.source                      'ROTATING ANODE' 
_diffrn_source.type                        RIGAKU 
_diffrn_source.pdbx_synchrotron_site       ? 
_diffrn_source.pdbx_synchrotron_beamline   ? 
_diffrn_source.pdbx_wavelength             1.5418 
_diffrn_source.pdbx_wavelength_list        ? 
# 
_reflns.entry_id                     1D54 
_reflns.observed_criterion_sigma_I   ? 
_reflns.observed_criterion_sigma_F   ? 
_reflns.d_resolution_low             ? 
_reflns.d_resolution_high            ? 
_reflns.number_obs                   5644 
_reflns.number_all                   11022 
_reflns.percent_possible_obs         ? 
_reflns.pdbx_Rmerge_I_obs            ? 
_reflns.pdbx_Rsym_value              ? 
_reflns.pdbx_netI_over_sigmaI        ? 
_reflns.B_iso_Wilson_estimate        ? 
_reflns.pdbx_redundancy              ? 
_reflns.pdbx_diffrn_id               1 
_reflns.pdbx_ordinal                 1 
# 
_refine.entry_id                                 1D54 
_refine.ls_number_reflns_obs                     2381 
_refine.ls_number_reflns_all                     ? 
_refine.pdbx_ls_sigma_I                          ? 
_refine.pdbx_ls_sigma_F                          3.000 
_refine.pdbx_data_cutoff_high_absF               ? 
_refine.pdbx_data_cutoff_low_absF                ? 
_refine.pdbx_data_cutoff_high_rms_absF           ? 
_refine.ls_d_res_low                             7.000 
_refine.ls_d_res_high                            1.400 
_refine.ls_percent_reflns_obs                    ? 
_refine.ls_R_factor_obs                          0.1700000 
_refine.ls_R_factor_all                          ? 
_refine.ls_R_factor_R_work                       ? 
_refine.ls_R_factor_R_free                       ? 
_refine.ls_R_factor_R_free_error                 ? 
_refine.ls_R_factor_R_free_error_details         ? 
_refine.ls_percent_reflns_R_free                 ? 
_refine.ls_number_reflns_R_free                  ? 
_refine.ls_number_parameters                     ? 
_refine.ls_number_restraints                     ? 
_refine.occupancy_min                            ? 
_refine.occupancy_max                            ? 
_refine.B_iso_mean                               ? 
_refine.aniso_B[1][1]                            ? 
_refine.aniso_B[2][2]                            ? 
_refine.aniso_B[3][3]                            ? 
_refine.aniso_B[1][2]                            ? 
_refine.aniso_B[1][3]                            ? 
_refine.aniso_B[2][3]                            ? 
_refine.solvent_model_details                    ? 
_refine.solvent_model_param_ksol                 ? 
_refine.solvent_model_param_bsol                 ? 
_refine.pdbx_ls_cross_valid_method               ? 
_refine.details                                  ? 
_refine.pdbx_starting_model                      ? 
_refine.pdbx_method_to_determine_struct          ? 
_refine.pdbx_isotropic_thermal_model             ? 
_refine.pdbx_stereochemistry_target_values       ? 
_refine.pdbx_stereochem_target_val_spec_case     ? 
_refine.pdbx_R_Free_selection_details            ? 
_refine.pdbx_overall_ESU_R                       ? 
_refine.pdbx_overall_ESU_R_Free                  ? 
_refine.overall_SU_ML                            ? 
_refine.overall_SU_B                             ? 
_refine.pdbx_refine_id                           'X-RAY DIFFRACTION' 
_refine.pdbx_diffrn_id                           1 
_refine.pdbx_TLS_residual_ADP_flag               ? 
_refine.correlation_coeff_Fo_to_Fc               ? 
_refine.correlation_coeff_Fo_to_Fc_free          ? 
_refine.pdbx_solvent_vdw_probe_radii             ? 
_refine.pdbx_solvent_ion_probe_radii             ? 
_refine.pdbx_solvent_shrinkage_radii             ? 
_refine.pdbx_overall_phase_error                 ? 
_refine.overall_SU_R_Cruickshank_DPI             ? 
_refine.pdbx_overall_SU_R_free_Cruickshank_DPI   ? 
_refine.pdbx_overall_SU_R_Blow_DPI               ? 
_refine.pdbx_overall_SU_R_free_Blow_DPI          ? 
# 
_refine_hist.pdbx_refine_id                   'X-RAY DIFFRACTION' 
_refine_hist.cycle_id                         LAST 
_refine_hist.pdbx_number_atoms_protein        0 
_refine_hist.pdbx_number_atoms_nucleic_acid   120 
_refine_hist.pdbx_number_atoms_ligand         39 
_refine_hist.number_atoms_solvent             33 
_refine_hist.number_atoms_total               192 
_refine_hist.d_res_high                       1.400 
_refine_hist.d_res_low                        7.000 
# 
loop_
_refine_ls_restr.type 
_refine_ls_restr.dev_ideal 
_refine_ls_restr.dev_ideal_target 
_refine_ls_restr.weight 
_refine_ls_restr.number 
_refine_ls_restr.pdbx_refine_id 
_refine_ls_restr.pdbx_restraint_function 
n_bond_d               ?     ? ? ? 'X-RAY DIFFRACTION' ? 
n_angle_d              ?     ? ? ? 'X-RAY DIFFRACTION' ? 
n_planar_d             ?     ? ? ? 'X-RAY DIFFRACTION' ? 
n_hb_or_metal_coord    ?     ? ? ? 'X-RAY DIFFRACTION' ? 
n_sugar_bond_it        ?     ? ? ? 'X-RAY DIFFRACTION' ? 
n_sugar_angle_it       ?     ? ? ? 'X-RAY DIFFRACTION' ? 
n_phos_bond_it         ?     ? ? ? 'X-RAY DIFFRACTION' ? 
n_phos_angle_it        ?     ? ? ? 'X-RAY DIFFRACTION' ? 
n_bond_angle_restr     ?     ? ? ? 'X-RAY DIFFRACTION' ? 
n_dihedral_angle_restr ?     ? ? ? 'X-RAY DIFFRACTION' ? 
n_impr_tor             ?     ? ? ? 'X-RAY DIFFRACTION' ? 
n_sugar_bond_d         0.014 ? ? ? 'X-RAY DIFFRACTION' ? 
n_sugar_bond_angle_d   0.033 ? ? ? 'X-RAY DIFFRACTION' ? 
n_phos_bond_d          0.020 ? ? ? 'X-RAY DIFFRACTION' ? 
n_phos_bond_angle_d    0.036 ? ? ? 'X-RAY DIFFRACTION' ? 
n_plane_restr          ?     ? ? ? 'X-RAY DIFFRACTION' ? 
n_chiral_restr         ?     ? ? ? 'X-RAY DIFFRACTION' ? 
n_singtor_nbd          ?     ? ? ? 'X-RAY DIFFRACTION' ? 
n_multtor_nbd          ?     ? ? ? 'X-RAY DIFFRACTION' ? 
n_xhyhbond_nbd         ?     ? ? ? 'X-RAY DIFFRACTION' ? 
# 
_struct.entry_id                  1D54 
_struct.title                     
;ANTHRACYCLINE BINDING TO DNA: HIGH RESOLUTION STRUCTURE OF D(TGTACA) COMPLEXED WITH 4'-EPIADRIAMYCIN
;
_struct.pdbx_model_details        ? 
_struct.pdbx_CASP_flag            ? 
_struct.pdbx_model_type_details   ? 
# 
_struct_keywords.entry_id        1D54 
_struct_keywords.pdbx_keywords   DNA 
_struct_keywords.text            'RIGHT HANDED DNA, DOUBLE HELIX, COMPLEXED WITH DRUG, DNA' 
# 
loop_
_struct_asym.id 
_struct_asym.pdbx_blank_PDB_chainid_flag 
_struct_asym.pdbx_modified 
_struct_asym.entity_id 
_struct_asym.details 
A N N 1 ? 
B N N 2 ? 
C N N 3 ? 
# 
_struct_ref.id                         1 
_struct_ref.entity_id                  1 
_struct_ref.db_name                    PDB 
_struct_ref.db_code                    1D54 
_struct_ref.pdbx_db_accession          1D54 
_struct_ref.pdbx_db_isoform            ? 
_struct_ref.pdbx_seq_one_letter_code   ? 
_struct_ref.pdbx_align_begin           ? 
# 
_struct_ref_seq.align_id                      1 
_struct_ref_seq.ref_id                        1 
_struct_ref_seq.pdbx_PDB_id_code              1D54 
_struct_ref_seq.pdbx_strand_id                A 
_struct_ref_seq.seq_align_beg                 1 
_struct_ref_seq.pdbx_seq_align_beg_ins_code   ? 
_struct_ref_seq.seq_align_end                 6 
_struct_ref_seq.pdbx_seq_align_end_ins_code   ? 
_struct_ref_seq.pdbx_db_accession             1D54 
_struct_ref_seq.db_align_beg                  1 
_struct_ref_seq.pdbx_db_align_beg_ins_code    ? 
_struct_ref_seq.db_align_end                  6 
_struct_ref_seq.pdbx_db_align_end_ins_code    ? 
_struct_ref_seq.pdbx_auth_seq_align_beg       1 
_struct_ref_seq.pdbx_auth_seq_align_end       6 
# 
_pdbx_struct_assembly.id                   1 
_pdbx_struct_assembly.details              author_defined_assembly 
_pdbx_struct_assembly.method_details       ? 
_pdbx_struct_assembly.oligomeric_details   dimeric 
_pdbx_struct_assembly.oligomeric_count     2 
# 
_pdbx_struct_assembly_gen.assembly_id       1 
_pdbx_struct_assembly_gen.oper_expression   1,2 
_pdbx_struct_assembly_gen.asym_id_list      A,B,C 
# 
loop_
_pdbx_struct_oper_list.id 
_pdbx_struct_oper_list.type 
_pdbx_struct_oper_list.name 
_pdbx_struct_oper_list.symmetry_operation 
_pdbx_struct_oper_list.matrix[1][1] 
_pdbx_struct_oper_list.matrix[1][2] 
_pdbx_struct_oper_list.matrix[1][3] 
_pdbx_struct_oper_list.vector[1] 
_pdbx_struct_oper_list.matrix[2][1] 
_pdbx_struct_oper_list.matrix[2][2] 
_pdbx_struct_oper_list.matrix[2][3] 
_pdbx_struct_oper_list.vector[2] 
_pdbx_struct_oper_list.matrix[3][1] 
_pdbx_struct_oper_list.matrix[3][2] 
_pdbx_struct_oper_list.matrix[3][3] 
_pdbx_struct_oper_list.vector[3] 
1 'identity operation'         1_555 x,y,z        1.0000000000  0.0000000000  0.0000000000  0.0000000000 0.0000000000  1.0000000000 0.0000000000 0.0000000000  0.0000000000  0.0000000000 1.0000000000  0.0000000000 
2 'crystal symmetry operation' 8_555 -y,-x,-z+1/2 -0.2569844414 -0.8891599968 -0.3786205185 0.0823073108 -0.8891599968 0.0640497237 0.4530917490 -2.1232344755 -0.3786205185 0.4530917490 -0.8070652824 5.1477684828 
# 
_struct_biol.id   1 
# 
loop_
_struct_conn.id 
_struct_conn.conn_type_id 
_struct_conn.pdbx_leaving_atom_flag 
_struct_conn.pdbx_PDB_id 
_struct_conn.ptnr1_label_asym_id 
_struct_conn.ptnr1_label_comp_id 
_struct_conn.ptnr1_label_seq_id 
_struct_conn.ptnr1_label_atom_id 
_struct_conn.pdbx_ptnr1_label_alt_id 
_struct_conn.pdbx_ptnr1_PDB_ins_code 
_struct_conn.pdbx_ptnr1_standard_comp_id 
_struct_conn.ptnr1_symmetry 
_struct_conn.ptnr2_label_asym_id 
_struct_conn.ptnr2_label_comp_id 
_struct_conn.ptnr2_label_seq_id 
_struct_conn.ptnr2_label_atom_id 
_struct_conn.pdbx_ptnr2_label_alt_id 
_struct_conn.pdbx_ptnr2_PDB_ins_code 
_struct_conn.ptnr1_auth_asym_id 
_struct_conn.ptnr1_auth_comp_id 
_struct_conn.ptnr1_auth_seq_id 
_struct_conn.ptnr2_auth_asym_id 
_struct_conn.ptnr2_auth_comp_id 
_struct_conn.ptnr2_auth_seq_id 
_struct_conn.ptnr2_symmetry 
_struct_conn.pdbx_ptnr3_label_atom_id 
_struct_conn.pdbx_ptnr3_label_seq_id 
_struct_conn.pdbx_ptnr3_label_comp_id 
_struct_conn.pdbx_ptnr3_label_asym_id 
_struct_conn.pdbx_ptnr3_label_alt_id 
_struct_conn.pdbx_ptnr3_PDB_ins_code 
_struct_conn.details 
_struct_conn.pdbx_dist_value 
_struct_conn.pdbx_value_order 
_struct_conn.pdbx_role 
hydrog1  hydrog ? ? A DT 1 N3 ? ? ? 1_555 A DA 6 N1 ? ? A DT 1 A DA 6 8_555 ? ? ? ? ? ? WATSON-CRICK ? ? ? 
hydrog2  hydrog ? ? A DT 1 O4 ? ? ? 1_555 A DA 6 N6 ? ? A DT 1 A DA 6 8_555 ? ? ? ? ? ? WATSON-CRICK ? ? ? 
hydrog3  hydrog ? ? A DG 2 N1 ? ? ? 1_555 A DC 5 N3 ? ? A DG 2 A DC 5 8_555 ? ? ? ? ? ? WATSON-CRICK ? ? ? 
hydrog4  hydrog ? ? A DG 2 N2 ? ? ? 1_555 A DC 5 O2 ? ? A DG 2 A DC 5 8_555 ? ? ? ? ? ? WATSON-CRICK ? ? ? 
hydrog5  hydrog ? ? A DG 2 O6 ? ? ? 1_555 A DC 5 N4 ? ? A DG 2 A DC 5 8_555 ? ? ? ? ? ? WATSON-CRICK ? ? ? 
hydrog6  hydrog ? ? A DT 3 N3 ? ? ? 1_555 A DA 4 N1 ? ? A DT 3 A DA 4 8_555 ? ? ? ? ? ? WATSON-CRICK ? ? ? 
hydrog7  hydrog ? ? A DT 3 O4 ? ? ? 1_555 A DA 4 N6 ? ? A DT 3 A DA 4 8_555 ? ? ? ? ? ? WATSON-CRICK ? ? ? 
hydrog8  hydrog ? ? A DA 4 N1 ? ? ? 1_555 A DT 3 N3 ? ? A DA 4 A DT 3 8_555 ? ? ? ? ? ? WATSON-CRICK ? ? ? 
hydrog9  hydrog ? ? A DA 4 N6 ? ? ? 1_555 A DT 3 O4 ? ? A DA 4 A DT 3 8_555 ? ? ? ? ? ? WATSON-CRICK ? ? ? 
hydrog10 hydrog ? ? A DC 5 N3 ? ? ? 1_555 A DG 2 N1 ? ? A DC 5 A DG 2 8_555 ? ? ? ? ? ? WATSON-CRICK ? ? ? 
hydrog11 hydrog ? ? A DC 5 N4 ? ? ? 1_555 A DG 2 O6 ? ? A DC 5 A DG 2 8_555 ? ? ? ? ? ? WATSON-CRICK ? ? ? 
hydrog12 hydrog ? ? A DC 5 O2 ? ? ? 1_555 A DG 2 N2 ? ? A DC 5 A DG 2 8_555 ? ? ? ? ? ? WATSON-CRICK ? ? ? 
hydrog13 hydrog ? ? A DA 6 N1 ? ? ? 1_555 A DT 1 N3 ? ? A DA 6 A DT 1 8_555 ? ? ? ? ? ? WATSON-CRICK ? ? ? 
hydrog14 hydrog ? ? A DA 6 N6 ? ? ? 1_555 A DT 1 O4 ? ? A DA 6 A DT 1 8_555 ? ? ? ? ? ? WATSON-CRICK ? ? ? 
# 
_struct_conn_type.id          hydrog 
_struct_conn_type.criteria    ? 
_struct_conn_type.reference   ? 
# 
loop_
_struct_site.id 
_struct_site.pdbx_evidence_code 
_struct_site.pdbx_auth_asym_id 
_struct_site.pdbx_auth_comp_id 
_struct_site.pdbx_auth_seq_id 
_struct_site.pdbx_auth_ins_code 
_struct_site.pdbx_num_residues 
_struct_site.details 
AC1 Software A DM6 7 ? 12 'BINDING SITE FOR RESIDUE DM6 A 7' 
1   ?        ? ?   ? ? ?  ?                                  
# 
loop_
_struct_site_gen.id 
_struct_site_gen.site_id 
_struct_site_gen.pdbx_num_res 
_struct_site_gen.label_comp_id 
_struct_site_gen.label_asym_id 
_struct_site_gen.label_seq_id 
_struct_site_gen.pdbx_auth_ins_code 
_struct_site_gen.auth_comp_id 
_struct_site_gen.auth_asym_id 
_struct_site_gen.auth_seq_id 
_struct_site_gen.label_atom_id 
_struct_site_gen.label_alt_id 
_struct_site_gen.symmetry 
_struct_site_gen.details 
1  AC1 12 DT  A 1 ? DT  A 1  . ? 8_555 ? 
2  AC1 12 DG  A 2 ? DG  A 2  . ? 8_555 ? 
3  AC1 12 DT  A 3 ? DT  A 3  . ? 8_555 ? 
4  AC1 12 DC  A 5 ? DC  A 5  . ? 1_555 ? 
5  AC1 12 DA  A 6 ? DA  A 6  . ? 1_555 ? 
6  AC1 12 HOH C . ? HOH A 9  . ? 1_555 ? 
7  AC1 12 HOH C . ? HOH A 18 . ? 1_555 ? 
8  AC1 12 HOH C . ? HOH A 19 . ? 8_555 ? 
9  AC1 12 HOH C . ? HOH A 21 . ? 1_555 ? 
10 AC1 12 HOH C . ? HOH A 25 . ? 1_555 ? 
11 AC1 12 HOH C . ? HOH A 29 . ? 1_555 ? 
12 AC1 12 HOH C . ? HOH A 30 . ? 1_555 ? 
# 
_pdbx_validate_rmsd_bond.id                        1 
_pdbx_validate_rmsd_bond.PDB_model_num             1 
_pdbx_validate_rmsd_bond.auth_atom_id_1            "O4'" 
_pdbx_validate_rmsd_bond.auth_asym_id_1            A 
_pdbx_validate_rmsd_bond.auth_comp_id_1            DG 
_pdbx_validate_rmsd_bond.auth_seq_id_1             2 
_pdbx_validate_rmsd_bond.PDB_ins_code_1            ? 
_pdbx_validate_rmsd_bond.label_alt_id_1            ? 
_pdbx_validate_rmsd_bond.auth_atom_id_2            "C4'" 
_pdbx_validate_rmsd_bond.auth_asym_id_2            A 
_pdbx_validate_rmsd_bond.auth_comp_id_2            DG 
_pdbx_validate_rmsd_bond.auth_seq_id_2             2 
_pdbx_validate_rmsd_bond.PDB_ins_code_2            ? 
_pdbx_validate_rmsd_bond.label_alt_id_2            ? 
_pdbx_validate_rmsd_bond.bond_value                1.376 
_pdbx_validate_rmsd_bond.bond_target_value         1.446 
_pdbx_validate_rmsd_bond.bond_deviation            -0.070 
_pdbx_validate_rmsd_bond.bond_standard_deviation   0.010 
_pdbx_validate_rmsd_bond.linker_flag               N 
# 
loop_
_pdbx_validate_rmsd_angle.id 
_pdbx_validate_rmsd_angle.PDB_model_num 
_pdbx_validate_rmsd_angle.auth_atom_id_1 
_pdbx_validate_rmsd_angle.auth_asym_id_1 
_pdbx_validate_rmsd_angle.auth_comp_id_1 
_pdbx_validate_rmsd_angle.auth_seq_id_1 
_pdbx_validate_rmsd_angle.PDB_ins_code_1 
_pdbx_validate_rmsd_angle.label_alt_id_1 
_pdbx_validate_rmsd_angle.auth_atom_id_2 
_pdbx_validate_rmsd_angle.auth_asym_id_2 
_pdbx_validate_rmsd_angle.auth_comp_id_2 
_pdbx_validate_rmsd_angle.auth_seq_id_2 
_pdbx_validate_rmsd_angle.PDB_ins_code_2 
_pdbx_validate_rmsd_angle.label_alt_id_2 
_pdbx_validate_rmsd_angle.auth_atom_id_3 
_pdbx_validate_rmsd_angle.auth_asym_id_3 
_pdbx_validate_rmsd_angle.auth_comp_id_3 
_pdbx_validate_rmsd_angle.auth_seq_id_3 
_pdbx_validate_rmsd_angle.PDB_ins_code_3 
_pdbx_validate_rmsd_angle.label_alt_id_3 
_pdbx_validate_rmsd_angle.angle_value 
_pdbx_validate_rmsd_angle.angle_target_value 
_pdbx_validate_rmsd_angle.angle_deviation 
_pdbx_validate_rmsd_angle.angle_standard_deviation 
_pdbx_validate_rmsd_angle.linker_flag 
1  1 "O4'" A DT 1 ? ? "C1'" A DT 1 ? ? "C2'" A DT 1 ? ? 100.52 105.90 -5.38 0.80 N 
2  1 C2    A DT 1 ? ? N3    A DT 1 ? ? C4    A DT 1 ? ? 121.12 127.20 -6.08 0.60 N 
3  1 N3    A DT 1 ? ? C4    A DT 1 ? ? C5    A DT 1 ? ? 119.75 115.20 4.55  0.60 N 
4  1 "O5'" A DG 2 ? ? "C5'" A DG 2 ? ? "C4'" A DG 2 ? ? 102.21 109.40 -7.19 0.80 N 
5  1 "O4'" A DG 2 ? ? "C1'" A DG 2 ? ? N9    A DG 2 ? ? 115.01 108.30 6.71  0.30 N 
6  1 C5    A DG 2 ? ? C6    A DG 2 ? ? N1    A DG 2 ? ? 114.70 111.50 3.20  0.50 N 
7  1 N3    A DG 2 ? ? C2    A DG 2 ? ? N2    A DG 2 ? ? 115.06 119.90 -4.84 0.70 N 
8  1 "C3'" A DG 2 ? ? "O3'" A DG 2 ? ? P     A DT 3 ? ? 127.13 119.70 7.43  1.20 Y 
9  1 "O5'" A DT 3 ? ? "C5'" A DT 3 ? ? "C4'" A DT 3 ? ? 104.54 109.40 -4.86 0.80 N 
10 1 C2    A DT 3 ? ? N3    A DT 3 ? ? C4    A DT 3 ? ? 122.32 127.20 -4.88 0.60 N 
11 1 N3    A DT 3 ? ? C4    A DT 3 ? ? C5    A DT 3 ? ? 119.42 115.20 4.22  0.60 N 
12 1 "O5'" A DA 4 ? ? "C5'" A DA 4 ? ? "C4'" A DA 4 ? ? 102.02 109.40 -7.38 0.80 N 
13 1 N1    A DA 4 ? ? C2    A DA 4 ? ? N3    A DA 4 ? ? 125.64 129.30 -3.66 0.50 N 
14 1 "O5'" A DC 5 ? ? "C5'" A DC 5 ? ? "C4'" A DC 5 ? ? 102.49 109.40 -6.91 0.80 N 
15 1 "O4'" A DC 5 ? ? "C1'" A DC 5 ? ? N1    A DC 5 ? ? 114.32 108.30 6.02  0.30 N 
16 1 "O4'" A DA 6 ? ? "C1'" A DA 6 ? ? N9    A DA 6 ? ? 101.06 108.00 -6.94 0.70 N 
17 1 C6    A DA 6 ? ? N1    A DA 6 ? ? C2    A DA 6 ? ? 122.80 118.60 4.20  0.60 N 
18 1 N1    A DA 6 ? ? C2    A DA 6 ? ? N3    A DA 6 ? ? 124.56 129.30 -4.74 0.50 N 
# 
_struct_site_keywords.site_id   1 
_struct_site_keywords.text      INTERCALATION 
# 
loop_
_refine_B_iso.class 
_refine_B_iso.details 
_refine_B_iso.treatment 
_refine_B_iso.pdbx_refine_id 
'ALL ATOMS'      TR isotropic 'X-RAY DIFFRACTION' 
'ALL WATERS'     TR isotropic 'X-RAY DIFFRACTION' 
'ALL DRUG ATOMS' TR isotropic 'X-RAY DIFFRACTION' 
# 
loop_
_refine_occupancy.class 
_refine_occupancy.treatment 
_refine_occupancy.pdbx_refine_id 
'ALL ATOMS'      fix 'X-RAY DIFFRACTION' 
'ALL WATERS'     fix 'X-RAY DIFFRACTION' 
'ALL DRUG ATOMS' fix 'X-RAY DIFFRACTION' 
# 
loop_
_chem_comp_atom.comp_id 
_chem_comp_atom.atom_id 
_chem_comp_atom.type_symbol 
_chem_comp_atom.pdbx_aromatic_flag 
_chem_comp_atom.pdbx_stereo_config 
_chem_comp_atom.pdbx_ordinal 
DA  OP3    O N N 1   
DA  P      P N N 2   
DA  OP1    O N N 3   
DA  OP2    O N N 4   
DA  "O5'"  O N N 5   
DA  "C5'"  C N N 6   
DA  "C4'"  C N R 7   
DA  "O4'"  O N N 8   
DA  "C3'"  C N S 9   
DA  "O3'"  O N N 10  
DA  "C2'"  C N N 11  
DA  "C1'"  C N R 12  
DA  N9     N Y N 13  
DA  C8     C Y N 14  
DA  N7     N Y N 15  
DA  C5     C Y N 16  
DA  C6     C Y N 17  
DA  N6     N N N 18  
DA  N1     N Y N 19  
DA  C2     C Y N 20  
DA  N3     N Y N 21  
DA  C4     C Y N 22  
DA  HOP3   H N N 23  
DA  HOP2   H N N 24  
DA  "H5'"  H N N 25  
DA  "H5''" H N N 26  
DA  "H4'"  H N N 27  
DA  "H3'"  H N N 28  
DA  "HO3'" H N N 29  
DA  "H2'"  H N N 30  
DA  "H2''" H N N 31  
DA  "H1'"  H N N 32  
DA  H8     H N N 33  
DA  H61    H N N 34  
DA  H62    H N N 35  
DA  H2     H N N 36  
DC  OP3    O N N 37  
DC  P      P N N 38  
DC  OP1    O N N 39  
DC  OP2    O N N 40  
DC  "O5'"  O N N 41  
DC  "C5'"  C N N 42  
DC  "C4'"  C N R 43  
DC  "O4'"  O N N 44  
DC  "C3'"  C N S 45  
DC  "O3'"  O N N 46  
DC  "C2'"  C N N 47  
DC  "C1'"  C N R 48  
DC  N1     N N N 49  
DC  C2     C N N 50  
DC  O2     O N N 51  
DC  N3     N N N 52  
DC  C4     C N N 53  
DC  N4     N N N 54  
DC  C5     C N N 55  
DC  C6     C N N 56  
DC  HOP3   H N N 57  
DC  HOP2   H N N 58  
DC  "H5'"  H N N 59  
DC  "H5''" H N N 60  
DC  "H4'"  H N N 61  
DC  "H3'"  H N N 62  
DC  "HO3'" H N N 63  
DC  "H2'"  H N N 64  
DC  "H2''" H N N 65  
DC  "H1'"  H N N 66  
DC  H41    H N N 67  
DC  H42    H N N 68  
DC  H5     H N N 69  
DC  H6     H N N 70  
DG  OP3    O N N 71  
DG  P      P N N 72  
DG  OP1    O N N 73  
DG  OP2    O N N 74  
DG  "O5'"  O N N 75  
DG  "C5'"  C N N 76  
DG  "C4'"  C N R 77  
DG  "O4'"  O N N 78  
DG  "C3'"  C N S 79  
DG  "O3'"  O N N 80  
DG  "C2'"  C N N 81  
DG  "C1'"  C N R 82  
DG  N9     N Y N 83  
DG  C8     C Y N 84  
DG  N7     N Y N 85  
DG  C5     C Y N 86  
DG  C6     C N N 87  
DG  O6     O N N 88  
DG  N1     N N N 89  
DG  C2     C N N 90  
DG  N2     N N N 91  
DG  N3     N N N 92  
DG  C4     C Y N 93  
DG  HOP3   H N N 94  
DG  HOP2   H N N 95  
DG  "H5'"  H N N 96  
DG  "H5''" H N N 97  
DG  "H4'"  H N N 98  
DG  "H3'"  H N N 99  
DG  "HO3'" H N N 100 
DG  "H2'"  H N N 101 
DG  "H2''" H N N 102 
DG  "H1'"  H N N 103 
DG  H8     H N N 104 
DG  H1     H N N 105 
DG  H21    H N N 106 
DG  H22    H N N 107 
DM6 C1     C Y N 108 
DM6 C2     C Y N 109 
DM6 C3     C Y N 110 
DM6 C4     C Y N 111 
DM6 C5     C N N 112 
DM6 C6     C Y N 113 
DM6 C7     C N S 114 
DM6 C8     C N N 115 
DM6 C9     C N S 116 
DM6 C10    C N N 117 
DM6 C11    C Y N 118 
DM6 C12    C N N 119 
DM6 C13    C N N 120 
DM6 C14    C N N 121 
DM6 C15    C Y N 122 
DM6 C16    C Y N 123 
DM6 C17    C Y N 124 
DM6 C18    C Y N 125 
DM6 C19    C Y N 126 
DM6 C20    C Y N 127 
DM6 C21    C N N 128 
DM6 O4     O N N 129 
DM6 O5     O N N 130 
DM6 O6     O N N 131 
DM6 O7     O N N 132 
DM6 O9     O N N 133 
DM6 O11    O N N 134 
DM6 O12    O N N 135 
DM6 O13    O N N 136 
DM6 O14    O N N 137 
DM6 "C1'"  C N R 138 
DM6 "C2'"  C N N 139 
DM6 "C3'"  C N S 140 
DM6 "C4'"  C N R 141 
DM6 "C5'"  C N S 142 
DM6 "C6'"  C N N 143 
DM6 "O4'"  O N N 144 
DM6 "O5'"  O N N 145 
DM6 "N3'"  N N N 146 
DM6 H1     H N N 147 
DM6 H2     H N N 148 
DM6 H3     H N N 149 
DM6 H7     H N N 150 
DM6 H81    H N N 151 
DM6 H82    H N N 152 
DM6 H101   H N N 153 
DM6 H102   H N N 154 
DM6 H141   H N N 155 
DM6 H142   H N N 156 
DM6 H211   H N N 157 
DM6 H212   H N N 158 
DM6 H213   H N N 159 
DM6 HO6    H N N 160 
DM6 HO9    H N N 161 
DM6 HO11   H N N 162 
DM6 HO14   H N N 163 
DM6 "H1'"  H N N 164 
DM6 "H2'1" H N N 165 
DM6 "H2'2" H N N 166 
DM6 "H3'"  H N N 167 
DM6 "H4'"  H N N 168 
DM6 "H5'"  H N N 169 
DM6 "H6'1" H N N 170 
DM6 "H6'2" H N N 171 
DM6 "H6'3" H N N 172 
DM6 "HO'4" H N N 173 
DM6 "HN'1" H N N 174 
DM6 "HN'2" H N N 175 
DM6 "HN'3" H N N 176 
DT  OP3    O N N 177 
DT  P      P N N 178 
DT  OP1    O N N 179 
DT  OP2    O N N 180 
DT  "O5'"  O N N 181 
DT  "C5'"  C N N 182 
DT  "C4'"  C N R 183 
DT  "O4'"  O N N 184 
DT  "C3'"  C N S 185 
DT  "O3'"  O N N 186 
DT  "C2'"  C N N 187 
DT  "C1'"  C N R 188 
DT  N1     N N N 189 
DT  C2     C N N 190 
DT  O2     O N N 191 
DT  N3     N N N 192 
DT  C4     C N N 193 
DT  O4     O N N 194 
DT  C5     C N N 195 
DT  C7     C N N 196 
DT  C6     C N N 197 
DT  HOP3   H N N 198 
DT  HOP2   H N N 199 
DT  "H5'"  H N N 200 
DT  "H5''" H N N 201 
DT  "H4'"  H N N 202 
DT  "H3'"  H N N 203 
DT  "HO3'" H N N 204 
DT  "H2'"  H N N 205 
DT  "H2''" H N N 206 
DT  "H1'"  H N N 207 
DT  H3     H N N 208 
DT  H71    H N N 209 
DT  H72    H N N 210 
DT  H73    H N N 211 
DT  H6     H N N 212 
HOH O      O N N 213 
HOH H1     H N N 214 
HOH H2     H N N 215 
# 
loop_
_chem_comp_bond.comp_id 
_chem_comp_bond.atom_id_1 
_chem_comp_bond.atom_id_2 
_chem_comp_bond.value_order 
_chem_comp_bond.pdbx_aromatic_flag 
_chem_comp_bond.pdbx_stereo_config 
_chem_comp_bond.pdbx_ordinal 
DA  OP3   P      sing N N 1   
DA  OP3   HOP3   sing N N 2   
DA  P     OP1    doub N N 3   
DA  P     OP2    sing N N 4   
DA  P     "O5'"  sing N N 5   
DA  OP2   HOP2   sing N N 6   
DA  "O5'" "C5'"  sing N N 7   
DA  "C5'" "C4'"  sing N N 8   
DA  "C5'" "H5'"  sing N N 9   
DA  "C5'" "H5''" sing N N 10  
DA  "C4'" "O4'"  sing N N 11  
DA  "C4'" "C3'"  sing N N 12  
DA  "C4'" "H4'"  sing N N 13  
DA  "O4'" "C1'"  sing N N 14  
DA  "C3'" "O3'"  sing N N 15  
DA  "C3'" "C2'"  sing N N 16  
DA  "C3'" "H3'"  sing N N 17  
DA  "O3'" "HO3'" sing N N 18  
DA  "C2'" "C1'"  sing N N 19  
DA  "C2'" "H2'"  sing N N 20  
DA  "C2'" "H2''" sing N N 21  
DA  "C1'" N9     sing N N 22  
DA  "C1'" "H1'"  sing N N 23  
DA  N9    C8     sing Y N 24  
DA  N9    C4     sing Y N 25  
DA  C8    N7     doub Y N 26  
DA  C8    H8     sing N N 27  
DA  N7    C5     sing Y N 28  
DA  C5    C6     sing Y N 29  
DA  C5    C4     doub Y N 30  
DA  C6    N6     sing N N 31  
DA  C6    N1     doub Y N 32  
DA  N6    H61    sing N N 33  
DA  N6    H62    sing N N 34  
DA  N1    C2     sing Y N 35  
DA  C2    N3     doub Y N 36  
DA  C2    H2     sing N N 37  
DA  N3    C4     sing Y N 38  
DC  OP3   P      sing N N 39  
DC  OP3   HOP3   sing N N 40  
DC  P     OP1    doub N N 41  
DC  P     OP2    sing N N 42  
DC  P     "O5'"  sing N N 43  
DC  OP2   HOP2   sing N N 44  
DC  "O5'" "C5'"  sing N N 45  
DC  "C5'" "C4'"  sing N N 46  
DC  "C5'" "H5'"  sing N N 47  
DC  "C5'" "H5''" sing N N 48  
DC  "C4'" "O4'"  sing N N 49  
DC  "C4'" "C3'"  sing N N 50  
DC  "C4'" "H4'"  sing N N 51  
DC  "O4'" "C1'"  sing N N 52  
DC  "C3'" "O3'"  sing N N 53  
DC  "C3'" "C2'"  sing N N 54  
DC  "C3'" "H3'"  sing N N 55  
DC  "O3'" "HO3'" sing N N 56  
DC  "C2'" "C1'"  sing N N 57  
DC  "C2'" "H2'"  sing N N 58  
DC  "C2'" "H2''" sing N N 59  
DC  "C1'" N1     sing N N 60  
DC  "C1'" "H1'"  sing N N 61  
DC  N1    C2     sing N N 62  
DC  N1    C6     sing N N 63  
DC  C2    O2     doub N N 64  
DC  C2    N3     sing N N 65  
DC  N3    C4     doub N N 66  
DC  C4    N4     sing N N 67  
DC  C4    C5     sing N N 68  
DC  N4    H41    sing N N 69  
DC  N4    H42    sing N N 70  
DC  C5    C6     doub N N 71  
DC  C5    H5     sing N N 72  
DC  C6    H6     sing N N 73  
DG  OP3   P      sing N N 74  
DG  OP3   HOP3   sing N N 75  
DG  P     OP1    doub N N 76  
DG  P     OP2    sing N N 77  
DG  P     "O5'"  sing N N 78  
DG  OP2   HOP2   sing N N 79  
DG  "O5'" "C5'"  sing N N 80  
DG  "C5'" "C4'"  sing N N 81  
DG  "C5'" "H5'"  sing N N 82  
DG  "C5'" "H5''" sing N N 83  
DG  "C4'" "O4'"  sing N N 84  
DG  "C4'" "C3'"  sing N N 85  
DG  "C4'" "H4'"  sing N N 86  
DG  "O4'" "C1'"  sing N N 87  
DG  "C3'" "O3'"  sing N N 88  
DG  "C3'" "C2'"  sing N N 89  
DG  "C3'" "H3'"  sing N N 90  
DG  "O3'" "HO3'" sing N N 91  
DG  "C2'" "C1'"  sing N N 92  
DG  "C2'" "H2'"  sing N N 93  
DG  "C2'" "H2''" sing N N 94  
DG  "C1'" N9     sing N N 95  
DG  "C1'" "H1'"  sing N N 96  
DG  N9    C8     sing Y N 97  
DG  N9    C4     sing Y N 98  
DG  C8    N7     doub Y N 99  
DG  C8    H8     sing N N 100 
DG  N7    C5     sing Y N 101 
DG  C5    C6     sing N N 102 
DG  C5    C4     doub Y N 103 
DG  C6    O6     doub N N 104 
DG  C6    N1     sing N N 105 
DG  N1    C2     sing N N 106 
DG  N1    H1     sing N N 107 
DG  C2    N2     sing N N 108 
DG  C2    N3     doub N N 109 
DG  N2    H21    sing N N 110 
DG  N2    H22    sing N N 111 
DG  N3    C4     sing N N 112 
DM6 C1    C2     doub Y N 113 
DM6 C1    C15    sing Y N 114 
DM6 C1    H1     sing N N 115 
DM6 C2    C3     sing Y N 116 
DM6 C2    H2     sing N N 117 
DM6 C3    C4     doub Y N 118 
DM6 C3    H3     sing N N 119 
DM6 C4    C16    sing Y N 120 
DM6 C4    O4     sing N N 121 
DM6 C5    C16    sing N N 122 
DM6 C5    C17    sing N N 123 
DM6 C5    O5     doub N N 124 
DM6 C6    C17    doub Y N 125 
DM6 C6    C20    sing Y N 126 
DM6 C6    O6     sing N N 127 
DM6 C7    C8     sing N N 128 
DM6 C7    C20    sing N N 129 
DM6 C7    O7     sing N N 130 
DM6 C7    H7     sing N N 131 
DM6 C8    C9     sing N N 132 
DM6 C8    H81    sing N N 133 
DM6 C8    H82    sing N N 134 
DM6 C9    C10    sing N N 135 
DM6 C9    C13    sing N N 136 
DM6 C9    O9     sing N N 137 
DM6 C10   C19    sing N N 138 
DM6 C10   H101   sing N N 139 
DM6 C10   H102   sing N N 140 
DM6 C11   C18    doub Y N 141 
DM6 C11   C19    sing Y N 142 
DM6 C11   O11    sing N N 143 
DM6 C12   C15    sing N N 144 
DM6 C12   C18    sing N N 145 
DM6 C12   O12    doub N N 146 
DM6 C13   C14    sing N N 147 
DM6 C13   O13    doub N N 148 
DM6 C14   O14    sing N N 149 
DM6 C14   H141   sing N N 150 
DM6 C14   H142   sing N N 151 
DM6 C15   C16    doub Y N 152 
DM6 C17   C18    sing Y N 153 
DM6 C19   C20    doub Y N 154 
DM6 C21   O4     sing N N 155 
DM6 C21   H211   sing N N 156 
DM6 C21   H212   sing N N 157 
DM6 C21   H213   sing N N 158 
DM6 O6    HO6    sing N N 159 
DM6 O7    "C1'"  sing N N 160 
DM6 O9    HO9    sing N N 161 
DM6 O11   HO11   sing N N 162 
DM6 O14   HO14   sing N N 163 
DM6 "C1'" "C2'"  sing N N 164 
DM6 "C1'" "O5'"  sing N N 165 
DM6 "C1'" "H1'"  sing N N 166 
DM6 "C2'" "C3'"  sing N N 167 
DM6 "C2'" "H2'1" sing N N 168 
DM6 "C2'" "H2'2" sing N N 169 
DM6 "C3'" "C4'"  sing N N 170 
DM6 "C3'" "N3'"  sing N N 171 
DM6 "C3'" "H3'"  sing N N 172 
DM6 "C4'" "C5'"  sing N N 173 
DM6 "C4'" "O4'"  sing N N 174 
DM6 "C4'" "H4'"  sing N N 175 
DM6 "C5'" "C6'"  sing N N 176 
DM6 "C5'" "O5'"  sing N N 177 
DM6 "C5'" "H5'"  sing N N 178 
DM6 "C6'" "H6'1" sing N N 179 
DM6 "C6'" "H6'2" sing N N 180 
DM6 "C6'" "H6'3" sing N N 181 
DM6 "O4'" "HO'4" sing N N 182 
DM6 "N3'" "HN'1" sing N N 183 
DM6 "N3'" "HN'2" sing N N 184 
DM6 "N3'" "HN'3" sing N N 185 
DT  OP3   P      sing N N 186 
DT  OP3   HOP3   sing N N 187 
DT  P     OP1    doub N N 188 
DT  P     OP2    sing N N 189 
DT  P     "O5'"  sing N N 190 
DT  OP2   HOP2   sing N N 191 
DT  "O5'" "C5'"  sing N N 192 
DT  "C5'" "C4'"  sing N N 193 
DT  "C5'" "H5'"  sing N N 194 
DT  "C5'" "H5''" sing N N 195 
DT  "C4'" "O4'"  sing N N 196 
DT  "C4'" "C3'"  sing N N 197 
DT  "C4'" "H4'"  sing N N 198 
DT  "O4'" "C1'"  sing N N 199 
DT  "C3'" "O3'"  sing N N 200 
DT  "C3'" "C2'"  sing N N 201 
DT  "C3'" "H3'"  sing N N 202 
DT  "O3'" "HO3'" sing N N 203 
DT  "C2'" "C1'"  sing N N 204 
DT  "C2'" "H2'"  sing N N 205 
DT  "C2'" "H2''" sing N N 206 
DT  "C1'" N1     sing N N 207 
DT  "C1'" "H1'"  sing N N 208 
DT  N1    C2     sing N N 209 
DT  N1    C6     sing N N 210 
DT  C2    O2     doub N N 211 
DT  C2    N3     sing N N 212 
DT  N3    C4     sing N N 213 
DT  N3    H3     sing N N 214 
DT  C4    O4     doub N N 215 
DT  C4    C5     sing N N 216 
DT  C5    C7     sing N N 217 
DT  C5    C6     doub N N 218 
DT  C7    H71    sing N N 219 
DT  C7    H72    sing N N 220 
DT  C7    H73    sing N N 221 
DT  C6    H6     sing N N 222 
HOH O     H1     sing N N 223 
HOH O     H2     sing N N 224 
# 
_ndb_struct_conf_na.entry_id   1D54 
_ndb_struct_conf_na.feature    'b-form double helix' 
# 
loop_
_ndb_struct_na_base_pair.model_number 
_ndb_struct_na_base_pair.i_label_asym_id 
_ndb_struct_na_base_pair.i_label_comp_id 
_ndb_struct_na_base_pair.i_label_seq_id 
_ndb_struct_na_base_pair.i_symmetry 
_ndb_struct_na_base_pair.j_label_asym_id 
_ndb_struct_na_base_pair.j_label_comp_id 
_ndb_struct_na_base_pair.j_label_seq_id 
_ndb_struct_na_base_pair.j_symmetry 
_ndb_struct_na_base_pair.shear 
_ndb_struct_na_base_pair.stretch 
_ndb_struct_na_base_pair.stagger 
_ndb_struct_na_base_pair.buckle 
_ndb_struct_na_base_pair.propeller 
_ndb_struct_na_base_pair.opening 
_ndb_struct_na_base_pair.pair_number 
_ndb_struct_na_base_pair.pair_name 
_ndb_struct_na_base_pair.i_auth_asym_id 
_ndb_struct_na_base_pair.i_auth_seq_id 
_ndb_struct_na_base_pair.i_PDB_ins_code 
_ndb_struct_na_base_pair.j_auth_asym_id 
_ndb_struct_na_base_pair.j_auth_seq_id 
_ndb_struct_na_base_pair.j_PDB_ins_code 
_ndb_struct_na_base_pair.hbond_type_28 
_ndb_struct_na_base_pair.hbond_type_12 
1 A DT 1 1_555 A DA 6 8_555 -0.136 -0.157 -0.024 9.289   0.365  -2.863 1 A_DT1:DA6_A A 1 ? A 6 ? 20 1 
1 A DG 2 1_555 A DC 5 8_555 -0.039 -0.123 -0.417 -18.268 4.090  -0.257 2 A_DG2:DC5_A A 2 ? A 5 ? 19 1 
1 A DT 3 1_555 A DA 4 8_555 -0.167 -0.084 -0.001 -6.255  -5.878 5.490  3 A_DT3:DA4_A A 3 ? A 4 ? 20 1 
1 A DA 4 1_555 A DT 3 8_555 0.167  -0.084 -0.001 6.255   -5.878 5.490  4 A_DA4:DT3_A A 4 ? A 3 ? 20 1 
1 A DC 5 1_555 A DG 2 8_555 0.039  -0.123 -0.417 18.268  4.090  -0.257 5 A_DC5:DG2_A A 5 ? A 2 ? 19 1 
1 A DA 6 1_555 A DT 1 8_555 0.136  -0.157 -0.024 -9.289  0.365  -2.863 6 A_DA6:DT1_A A 6 ? A 1 ? 20 1 
# 
loop_
_ndb_struct_na_base_pair_step.model_number 
_ndb_struct_na_base_pair_step.i_label_asym_id_1 
_ndb_struct_na_base_pair_step.i_label_comp_id_1 
_ndb_struct_na_base_pair_step.i_label_seq_id_1 
_ndb_struct_na_base_pair_step.i_symmetry_1 
_ndb_struct_na_base_pair_step.j_label_asym_id_1 
_ndb_struct_na_base_pair_step.j_label_comp_id_1 
_ndb_struct_na_base_pair_step.j_label_seq_id_1 
_ndb_struct_na_base_pair_step.j_symmetry_1 
_ndb_struct_na_base_pair_step.i_label_asym_id_2 
_ndb_struct_na_base_pair_step.i_label_comp_id_2 
_ndb_struct_na_base_pair_step.i_label_seq_id_2 
_ndb_struct_na_base_pair_step.i_symmetry_2 
_ndb_struct_na_base_pair_step.j_label_asym_id_2 
_ndb_struct_na_base_pair_step.j_label_comp_id_2 
_ndb_struct_na_base_pair_step.j_label_seq_id_2 
_ndb_struct_na_base_pair_step.j_symmetry_2 
_ndb_struct_na_base_pair_step.shift 
_ndb_struct_na_base_pair_step.slide 
_ndb_struct_na_base_pair_step.rise 
_ndb_struct_na_base_pair_step.tilt 
_ndb_struct_na_base_pair_step.roll 
_ndb_struct_na_base_pair_step.twist 
_ndb_struct_na_base_pair_step.x_displacement 
_ndb_struct_na_base_pair_step.y_displacement 
_ndb_struct_na_base_pair_step.helical_rise 
_ndb_struct_na_base_pair_step.inclination 
_ndb_struct_na_base_pair_step.tip 
_ndb_struct_na_base_pair_step.helical_twist 
_ndb_struct_na_base_pair_step.step_number 
_ndb_struct_na_base_pair_step.step_name 
_ndb_struct_na_base_pair_step.i_auth_asym_id_1 
_ndb_struct_na_base_pair_step.i_auth_seq_id_1 
_ndb_struct_na_base_pair_step.i_PDB_ins_code_1 
_ndb_struct_na_base_pair_step.j_auth_asym_id_1 
_ndb_struct_na_base_pair_step.j_auth_seq_id_1 
_ndb_struct_na_base_pair_step.j_PDB_ins_code_1 
_ndb_struct_na_base_pair_step.i_auth_asym_id_2 
_ndb_struct_na_base_pair_step.i_auth_seq_id_2 
_ndb_struct_na_base_pair_step.i_PDB_ins_code_2 
_ndb_struct_na_base_pair_step.j_auth_asym_id_2 
_ndb_struct_na_base_pair_step.j_auth_seq_id_2 
_ndb_struct_na_base_pair_step.j_PDB_ins_code_2 
1 A DT 1 1_555 A DA 6 8_555 A DG 2 1_555 A DC 5 8_555 1.238  1.253 7.084 2.480  -3.613 38.704 2.825  -1.207 7.006 -5.430 -3.727 
38.942 1 AA_DT1DG2:DC5DA6_AA A 1 ? A 6 ? A 2 ? A 5 ? 
1 A DG 2 1_555 A DC 5 8_555 A DT 3 1_555 A DA 4 8_555 -0.855 0.091 3.135 -3.436 -1.599 27.272 0.574  0.978  3.206 -3.371 7.242  
27.529 2 AA_DG2DT3:DA4DC5_AA A 2 ? A 5 ? A 3 ? A 4 ? 
1 A DT 3 1_555 A DA 4 8_555 A DA 4 1_555 A DT 3 8_555 0.000  0.476 3.240 0.000  12.560 37.195 -0.818 0.000  3.228 19.038 0.000  
39.187 3 AA_DT3DA4:DT3DA4_AA A 3 ? A 4 ? A 4 ? A 3 ? 
1 A DA 4 1_555 A DT 3 8_555 A DC 5 1_555 A DG 2 8_555 0.855  0.091 3.135 3.436  -1.599 27.272 0.574  -0.978 3.206 -3.371 -7.242 
27.529 4 AA_DA4DC5:DG2DT3_AA A 4 ? A 3 ? A 5 ? A 2 ? 
1 A DC 5 1_555 A DG 2 8_555 A DA 6 1_555 A DT 1 8_555 -1.238 1.253 7.084 -2.480 -3.613 38.704 2.825  1.207  7.006 -5.430 3.727  
38.942 5 AA_DC5DA6:DT1DG2_AA A 5 ? A 2 ? A 6 ? A 1 ? 
# 
_atom_sites.entry_id                    1D54 
_atom_sites.fract_transf_matrix[1][1]   0.02758853 
_atom_sites.fract_transf_matrix[1][2]   -0.00193900 
_atom_sites.fract_transf_matrix[1][3]   -0.02255699 
_atom_sites.fract_transf_matrix[2][1]   -0.00317480 
_atom_sites.fract_transf_matrix[2][2]   0.03487520 
_atom_sites.fract_transf_matrix[2][3]   -0.00688083 
_atom_sites.fract_transf_matrix[3][1]   0.01186680 
_atom_sites.fract_transf_matrix[3][2]   0.00387806 
_atom_sites.fract_transf_matrix[3][3]   0.01418045 
_atom_sites.fract_transf_vector[1]      -0.418305 
_atom_sites.fract_transf_vector[2]      0.528035 
_atom_sites.fract_transf_vector[3]      0.217131 
# 
loop_
_atom_type.symbol 
C 
N 
O 
P 
# 
loop_
_atom_site.group_PDB 
_atom_site.id 
_atom_site.type_symbol 
_atom_site.label_atom_id 
_atom_site.label_alt_id 
_atom_site.label_comp_id 
_atom_site.label_asym_id 
_atom_site.label_entity_id 
_atom_site.label_seq_id 
_atom_site.pdbx_PDB_ins_code 
_atom_site.Cartn_x 
_atom_site.Cartn_y 
_atom_site.Cartn_z 
_atom_site.occupancy 
_atom_site.B_iso_or_equiv 
_atom_site.pdbx_formal_charge 
_atom_site.auth_seq_id 
_atom_site.auth_comp_id 
_atom_site.auth_asym_id 
_atom_site.auth_atom_id 
_atom_site.pdbx_PDB_model_num 
ATOM   1   O "O5'" . DT  A 1 1 ? 1.247   7.777   12.223  1.00 23.55 ? 1  DT  A "O5'" 1 
ATOM   2   C "C5'" . DT  A 1 1 ? 2.010   9.021   12.358  1.00 14.24 ? 1  DT  A "C5'" 1 
ATOM   3   C "C4'" . DT  A 1 1 ? 3.263   8.800   11.595  1.00 11.17 ? 1  DT  A "C4'" 1 
ATOM   4   O "O4'" . DT  A 1 1 ? 4.065   7.843   12.215  1.00 16.67 ? 1  DT  A "O4'" 1 
ATOM   5   C "C3'" . DT  A 1 1 ? 3.119   8.345   10.141  1.00 21.28 ? 1  DT  A "C3'" 1 
ATOM   6   O "O3'" . DT  A 1 1 ? 4.166   9.021   9.418   1.00 22.15 ? 1  DT  A "O3'" 1 
ATOM   7   C "C2'" . DT  A 1 1 ? 3.485   6.842   10.217  1.00 17.26 ? 1  DT  A "C2'" 1 
ATOM   8   C "C1'" . DT  A 1 1 ? 4.578   6.826   11.316  1.00 15.89 ? 1  DT  A "C1'" 1 
ATOM   9   N N1    . DT  A 1 1 ? 4.462   5.500   12.016  1.00 12.22 ? 1  DT  A N1    1 
ATOM   10  C C2    . DT  A 1 1 ? 5.446   4.571   11.693  1.00 8.49  ? 1  DT  A C2    1 
ATOM   11  O O2    . DT  A 1 1 ? 6.377   4.840   10.926  1.00 10.89 ? 1  DT  A O2    1 
ATOM   12  N N3    . DT  A 1 1 ? 5.338   3.310   12.242  1.00 9.20  ? 1  DT  A N3    1 
ATOM   13  C C4    . DT  A 1 1 ? 4.335   3.003   13.094  1.00 5.77  ? 1  DT  A C4    1 
ATOM   14  O O4    . DT  A 1 1 ? 4.301   1.840   13.539  1.00 11.75 ? 1  DT  A O4    1 
ATOM   15  C C5    . DT  A 1 1 ? 3.323   3.985   13.390  1.00 6.63  ? 1  DT  A C5    1 
ATOM   16  C C7    . DT  A 1 1 ? 2.225   3.588   14.347  1.00 13.04 ? 1  DT  A C7    1 
ATOM   17  C C6    . DT  A 1 1 ? 3.455   5.182   12.847  1.00 8.17  ? 1  DT  A C6    1 
ATOM   18  P P     . DG  A 1 2 ? 3.955   9.875   8.106   1.00 26.77 ? 2  DG  A P     1 
ATOM   19  O OP1   . DG  A 1 2 ? 5.184   10.704  8.063   1.00 22.17 ? 2  DG  A OP1   1 
ATOM   20  O OP2   . DG  A 1 2 ? 2.631   10.563  8.144   1.00 29.74 ? 2  DG  A OP2   1 
ATOM   21  O "O5'" . DG  A 1 2 ? 3.915   8.732   6.964   1.00 17.70 ? 2  DG  A "O5'" 1 
ATOM   22  C "C5'" . DG  A 1 2 ? 5.226   8.225   6.597   1.00 15.48 ? 2  DG  A "C5'" 1 
ATOM   23  C "C4'" . DG  A 1 2 ? 4.889   7.206   5.543   1.00 11.27 ? 2  DG  A "C4'" 1 
ATOM   24  O "O4'" . DG  A 1 2 ? 4.383   6.069   6.129   1.00 15.86 ? 2  DG  A "O4'" 1 
ATOM   25  C "C3'" . DG  A 1 2 ? 3.937   7.656   4.454   1.00 12.95 ? 2  DG  A "C3'" 1 
ATOM   26  O "O3'" . DG  A 1 2 ? 4.344   7.097   3.208   1.00 25.06 ? 2  DG  A "O3'" 1 
ATOM   27  C "C2'" . DG  A 1 2 ? 2.635   6.987   4.888   1.00 13.45 ? 2  DG  A "C2'" 1 
ATOM   28  C "C1'" . DG  A 1 2 ? 3.217   5.696   5.430   1.00 13.17 ? 2  DG  A "C1'" 1 
ATOM   29  N N9    . DG  A 1 2 ? 2.262   4.926   6.199   1.00 12.21 ? 2  DG  A N9    1 
ATOM   30  C C8    . DG  A 1 2 ? 1.193   5.363   6.947   1.00 12.08 ? 2  DG  A C8    1 
ATOM   31  N N7    . DG  A 1 2 ? 0.538   4.389   7.529   1.00 19.58 ? 2  DG  A N7    1 
ATOM   32  C C5    . DG  A 1 2 ? 1.200   3.229   7.152   1.00 11.73 ? 2  DG  A C5    1 
ATOM   33  C C6    . DG  A 1 2 ? 1.010   1.872   7.498   1.00 7.72  ? 2  DG  A C6    1 
ATOM   34  O O6    . DG  A 1 2 ? 0.086   1.410   8.172   1.00 12.39 ? 2  DG  A O6    1 
ATOM   35  N N1    . DG  A 1 2 ? 1.934   1.007   6.961   1.00 10.47 ? 2  DG  A N1    1 
ATOM   36  C C2    . DG  A 1 2 ? 2.958   1.449   6.188   1.00 6.78  ? 2  DG  A C2    1 
ATOM   37  N N2    . DG  A 1 2 ? 3.845   0.577   5.734   1.00 9.39  ? 2  DG  A N2    1 
ATOM   38  N N3    . DG  A 1 2 ? 3.196   2.720   5.860   1.00 11.15 ? 2  DG  A N3    1 
ATOM   39  C C4    . DG  A 1 2 ? 2.292   3.558   6.373   1.00 11.49 ? 2  DG  A C4    1 
ATOM   40  P P     . DT  A 1 3 ? 4.169   7.738   1.770   1.00 30.45 ? 3  DT  A P     1 
ATOM   41  O OP1   . DT  A 1 3 ? 5.022   8.964   1.630   1.00 28.26 ? 3  DT  A OP1   1 
ATOM   42  O OP2   . DT  A 1 3 ? 2.721   7.979   1.653   1.00 26.36 ? 3  DT  A OP2   1 
ATOM   43  O "O5'" . DT  A 1 3 ? 4.640   6.552   0.754   1.00 16.10 ? 3  DT  A "O5'" 1 
ATOM   44  C "C5'" . DT  A 1 3 ? 5.969   6.050   1.000   1.00 11.23 ? 3  DT  A "C5'" 1 
ATOM   45  C "C4'" . DT  A 1 3 ? 5.826   4.547   0.931   1.00 13.65 ? 3  DT  A "C4'" 1 
ATOM   46  O "O4'" . DT  A 1 3 ? 5.033   4.029   1.969   1.00 13.67 ? 3  DT  A "O4'" 1 
ATOM   47  C "C3'" . DT  A 1 3 ? 5.150   4.026   -0.335  1.00 15.75 ? 3  DT  A "C3'" 1 
ATOM   48  O "O3'" . DT  A 1 3 ? 6.181   3.713   -1.267  1.00 13.32 ? 3  DT  A "O3'" 1 
ATOM   49  C "C2'" . DT  A 1 3 ? 4.485   2.722   0.105   1.00 22.49 ? 3  DT  A "C2'" 1 
ATOM   50  C "C1'" . DT  A 1 3 ? 4.489   2.765   1.586   1.00 15.81 ? 3  DT  A "C1'" 1 
ATOM   51  N N1    . DT  A 1 3 ? 3.145   2.709   2.182   1.00 12.60 ? 3  DT  A N1    1 
ATOM   52  C C2    . DT  A 1 3 ? 2.746   1.449   2.627   1.00 13.55 ? 3  DT  A C2    1 
ATOM   53  O O2    . DT  A 1 3 ? 3.463   0.460   2.467   1.00 13.21 ? 3  DT  A O2    1 
ATOM   54  N N3    . DT  A 1 3 ? 1.534   1.355   3.258   1.00 8.93  ? 3  DT  A N3    1 
ATOM   55  C C4    . DT  A 1 3 ? 0.739   2.430   3.461   1.00 7.85  ? 3  DT  A C4    1 
ATOM   56  O O4    . DT  A 1 3 ? -0.353  2.240   4.066   1.00 12.62 ? 3  DT  A O4    1 
ATOM   57  C C5    . DT  A 1 3 ? 1.137   3.706   2.947   1.00 8.47  ? 3  DT  A C5    1 
ATOM   58  C C7    . DT  A 1 3 ? 0.266   4.914   3.149   1.00 16.18 ? 3  DT  A C7    1 
ATOM   59  C C6    . DT  A 1 3 ? 2.331   3.785   2.344   1.00 12.62 ? 3  DT  A C6    1 
ATOM   60  P P     . DA  A 1 4 ? 5.788   3.308   -2.760  1.00 16.93 ? 4  DA  A P     1 
ATOM   61  O OP1   . DA  A 1 4 ? 7.064   3.469   -3.477  1.00 27.70 ? 4  DA  A OP1   1 
ATOM   62  O OP2   . DA  A 1 4 ? 4.603   4.079   -3.100  1.00 15.41 ? 4  DA  A OP2   1 
ATOM   63  O "O5'" . DA  A 1 4 ? 5.318   1.785   -2.690  1.00 12.44 ? 4  DA  A "O5'" 1 
ATOM   64  C "C5'" . DA  A 1 4 ? 6.265   0.750   -2.341  1.00 11.88 ? 4  DA  A "C5'" 1 
ATOM   65  C "C4'" . DA  A 1 4 ? 5.478   -0.514  -2.641  1.00 13.75 ? 4  DA  A "C4'" 1 
ATOM   66  O "O4'" . DA  A 1 4 ? 4.445   -0.637  -1.700  1.00 17.58 ? 4  DA  A "O4'" 1 
ATOM   67  C "C3'" . DA  A 1 4 ? 4.889   -0.626  -4.043  1.00 15.07 ? 4  DA  A "C3'" 1 
ATOM   68  O "O3'" . DA  A 1 4 ? 5.112   -2.015  -4.441  1.00 20.32 ? 4  DA  A "O3'" 1 
ATOM   69  C "C2'" . DA  A 1 4 ? 3.393   -0.407  -3.795  1.00 12.58 ? 4  DA  A "C2'" 1 
ATOM   70  C "C1'" . DA  A 1 4 ? 3.204   -0.910  -2.379  1.00 8.71  ? 4  DA  A "C1'" 1 
ATOM   71  N N9    . DA  A 1 4 ? 2.200   -0.106  -1.666  1.00 10.52 ? 4  DA  A N9    1 
ATOM   72  C C8    . DA  A 1 4 ? 2.009   1.249   -1.743  1.00 13.97 ? 4  DA  A C8    1 
ATOM   73  N N7    . DA  A 1 4 ? 1.058   1.688   -0.983  1.00 11.47 ? 4  DA  A N7    1 
ATOM   74  C C5    . DA  A 1 4 ? 0.579   0.547   -0.354  1.00 6.46  ? 4  DA  A C5    1 
ATOM   75  C C6    . DA  A 1 4 ? -0.481  0.361   0.577   1.00 6.78  ? 4  DA  A C6    1 
ATOM   76  N N6    . DA  A 1 4 ? -1.291  1.312   0.973   1.00 12.03 ? 4  DA  A N6    1 
ATOM   77  N N1    . DA  A 1 4 ? -0.679  -0.922  0.981   1.00 9.40  ? 4  DA  A N1    1 
ATOM   78  C C2    . DA  A 1 4 ? 0.059   -1.950  0.488   1.00 10.42 ? 4  DA  A C2    1 
ATOM   79  N N3    . DA  A 1 4 ? 1.043   -1.841  -0.406  1.00 11.46 ? 4  DA  A N3    1 
ATOM   80  C C4    . DA  A 1 4 ? 1.262   -0.562  -0.785  1.00 9.83  ? 4  DA  A C4    1 
ATOM   81  P P     . DC  A 1 5 ? 4.897   -2.615  -5.889  1.00 20.06 ? 5  DC  A P     1 
ATOM   82  O OP1   . DC  A 1 5 ? 5.829   -3.777  -5.976  1.00 26.61 ? 5  DC  A OP1   1 
ATOM   83  O OP2   . DC  A 1 5 ? 5.045   -1.531  -6.887  1.00 18.16 ? 5  DC  A OP2   1 
ATOM   84  O "O5'" . DC  A 1 5 ? 3.381   -3.154  -5.875  1.00 18.14 ? 5  DC  A "O5'" 1 
ATOM   85  C "C5'" . DC  A 1 5 ? 3.067   -4.343  -5.097  1.00 17.85 ? 5  DC  A "C5'" 1 
ATOM   86  C "C4'" . DC  A 1 5 ? 1.579   -4.334  -5.081  1.00 14.01 ? 5  DC  A "C4'" 1 
ATOM   87  O "O4'" . DC  A 1 5 ? 1.028   -3.413  -4.182  1.00 17.25 ? 5  DC  A "O4'" 1 
ATOM   88  C "C3'" . DC  A 1 5 ? 0.895   -4.106  -6.426  1.00 13.96 ? 5  DC  A "C3'" 1 
ATOM   89  O "O3'" . DC  A 1 5 ? -0.194  -5.063  -6.488  1.00 13.72 ? 5  DC  A "O3'" 1 
ATOM   90  C "C2'" . DC  A 1 5 ? 0.369   -2.691  -6.252  1.00 9.20  ? 5  DC  A "C2'" 1 
ATOM   91  C "C1'" . DC  A 1 5 ? -0.051  -2.767  -4.838  1.00 8.38  ? 5  DC  A "C1'" 1 
ATOM   92  N N1    . DC  A 1 5 ? -0.461  -1.515  -4.224  1.00 10.67 ? 5  DC  A N1    1 
ATOM   93  C C2    . DC  A 1 5 ? -1.305  -1.596  -3.121  1.00 6.91  ? 5  DC  A C2    1 
ATOM   94  O O2    . DC  A 1 5 ? -1.608  -2.679  -2.642  1.00 12.99 ? 5  DC  A O2    1 
ATOM   95  N N3    . DC  A 1 5 ? -1.812  -0.445  -2.603  1.00 8.20  ? 5  DC  A N3    1 
ATOM   96  C C4    . DC  A 1 5 ? -1.479  0.764   -3.099  1.00 8.46  ? 5  DC  A C4    1 
ATOM   97  N N4    . DC  A 1 5 ? -1.979  1.876   -2.569  1.00 14.59 ? 5  DC  A N4    1 
ATOM   98  C C5    . DC  A 1 5 ? -0.587  0.858   -4.196  1.00 11.46 ? 5  DC  A C5    1 
ATOM   99  C C6    . DC  A 1 5 ? -0.129  -0.294  -4.735  1.00 17.62 ? 5  DC  A C6    1 
ATOM   100 P P     . DA  A 1 6 ? -0.086  -6.343  -7.456  1.00 19.20 ? 6  DA  A P     1 
ATOM   101 O OP1   . DA  A 1 6 ? 1.191   -7.017  -7.161  1.00 22.52 ? 6  DA  A OP1   1 
ATOM   102 O OP2   . DA  A 1 6 ? -0.184  -5.704  -8.810  1.00 21.50 ? 6  DA  A OP2   1 
ATOM   103 O "O5'" . DA  A 1 6 ? -1.380  -7.201  -7.138  1.00 12.44 ? 6  DA  A "O5'" 1 
ATOM   104 C "C5'" . DA  A 1 6 ? -1.569  -7.859  -5.863  1.00 17.12 ? 6  DA  A "C5'" 1 
ATOM   105 C "C4'" . DA  A 1 6 ? -2.945  -8.472  -5.911  1.00 12.07 ? 6  DA  A "C4'" 1 
ATOM   106 O "O4'" . DA  A 1 6 ? -3.927  -7.447  -5.857  1.00 13.69 ? 6  DA  A "O4'" 1 
ATOM   107 C "C3'" . DA  A 1 6 ? -3.248  -9.302  -7.159  1.00 9.56  ? 6  DA  A "C3'" 1 
ATOM   108 O "O3'" . DA  A 1 6 ? -4.070  -10.415 -6.752  1.00 15.93 ? 6  DA  A "O3'" 1 
ATOM   109 C "C2'" . DA  A 1 6 ? -3.955  -8.315  -8.064  1.00 14.11 ? 6  DA  A "C2'" 1 
ATOM   110 C "C1'" . DA  A 1 6 ? -4.801  -7.544  -7.024  1.00 11.66 ? 6  DA  A "C1'" 1 
ATOM   111 N N9    . DA  A 1 6 ? -4.890  -6.138  -7.426  1.00 5.06  ? 6  DA  A N9    1 
ATOM   112 C C8    . DA  A 1 6 ? -4.097  -5.426  -8.256  1.00 9.36  ? 6  DA  A C8    1 
ATOM   113 N N7    . DA  A 1 6 ? -4.410  -4.154  -8.348  1.00 13.40 ? 6  DA  A N7    1 
ATOM   114 C C5    . DA  A 1 6 ? -5.520  -4.038  -7.508  1.00 11.85 ? 6  DA  A C5    1 
ATOM   115 C C6    . DA  A 1 6 ? -6.353  -2.923  -7.186  1.00 5.03  ? 6  DA  A C6    1 
ATOM   116 N N6    . DA  A 1 6 ? -6.177  -1.722  -7.691  1.00 8.68  ? 6  DA  A N6    1 
ATOM   117 N N1    . DA  A 1 6 ? -7.363  -3.188  -6.332  1.00 7.20  ? 6  DA  A N1    1 
ATOM   118 C C2    . DA  A 1 6 ? -7.565  -4.416  -5.792  1.00 5.85  ? 6  DA  A C2    1 
ATOM   119 N N3    . DA  A 1 6 ? -6.835  -5.501  -6.078  1.00 8.95  ? 6  DA  A N3    1 
ATOM   120 C C4    . DA  A 1 6 ? -5.837  -5.253  -6.953  1.00 6.41  ? 6  DA  A C4    1 
HETATM 121 C C1    . DM6 B 2 . ? -4.859  2.341   -4.982  1.00 17.38 ? 7  DM6 A C1    1 
HETATM 122 C C2    . DM6 B 2 . ? -3.968  2.952   -5.874  1.00 14.64 ? 7  DM6 A C2    1 
HETATM 123 C C3    . DM6 B 2 . ? -3.063  2.276   -6.566  1.00 14.53 ? 7  DM6 A C3    1 
HETATM 124 C C4    . DM6 B 2 . ? -2.985  0.881   -6.462  1.00 11.39 ? 7  DM6 A C4    1 
HETATM 125 C C5    . DM6 B 2 . ? -3.808  -1.274  -5.359  1.00 10.66 ? 7  DM6 A C5    1 
HETATM 126 C C6    . DM6 B 2 . ? -4.684  -3.222  -4.207  1.00 9.73  ? 7  DM6 A C6    1 
HETATM 127 C C7    . DM6 B 2 . ? -5.333  -5.324  -2.984  1.00 8.58  ? 7  DM6 A C7    1 
HETATM 128 C C8    . DM6 B 2 . ? -6.507  -5.935  -2.271  1.00 8.97  ? 7  DM6 A C8    1 
HETATM 129 C C9    . DM6 B 2 . ? -6.954  -5.125  -1.025  1.00 13.92 ? 7  DM6 A C9    1 
HETATM 130 C C10   . DM6 B 2 . ? -7.422  -3.737  -1.513  1.00 14.10 ? 7  DM6 A C10   1 
HETATM 131 C C11   . DM6 B 2 . ? -6.569  -1.720  -2.806  1.00 6.54  ? 7  DM6 A C11   1 
HETATM 132 C C12   . DM6 B 2 . ? -5.729  0.349   -3.885  1.00 8.64  ? 7  DM6 A C12   1 
HETATM 133 C C13   . DM6 B 2 . ? -8.169  -5.823  -0.346  1.00 20.10 ? 7  DM6 A C13   1 
HETATM 134 C C14   . DM6 B 2 . ? -7.860  -6.078  1.136   1.00 27.41 ? 7  DM6 A C14   1 
HETATM 135 C C15   . DM6 B 2 . ? -4.787  0.953   -4.859  1.00 9.56  ? 7  DM6 A C15   1 
HETATM 136 C C16   . DM6 B 2 . ? -3.879  0.205   -5.564  1.00 16.97 ? 7  DM6 A C16   1 
HETATM 137 C C17   . DM6 B 2 . ? -4.732  -1.847  -4.388  1.00 10.27 ? 7  DM6 A C17   1 
HETATM 138 C C18   . DM6 B 2 . ? -5.656  -1.099  -3.684  1.00 6.44  ? 7  DM6 A C18   1 
HETATM 139 C C19   . DM6 B 2 . ? -6.502  -3.134  -2.590  1.00 8.83  ? 7  DM6 A C19   1 
HETATM 140 C C20   . DM6 B 2 . ? -5.565  -3.864  -3.251  1.00 5.83  ? 7  DM6 A C20   1 
HETATM 141 C C21   . DM6 B 2 . ? -0.960  0.783   -7.776  1.00 17.17 ? 7  DM6 A C21   1 
HETATM 142 O O4    . DM6 B 2 . ? -2.075  0.128   -7.080  1.00 17.09 ? 7  DM6 A O4    1 
HETATM 143 O O5    . DM6 B 2 . ? -3.007  -2.000  -5.980  1.00 12.92 ? 7  DM6 A O5    1 
HETATM 144 O O6    . DM6 B 2 . ? -3.754  -4.015  -4.775  1.00 13.78 ? 7  DM6 A O6    1 
HETATM 145 O O7    . DM6 B 2 . ? -4.103  -5.464  -2.225  1.00 13.46 ? 7  DM6 A O7    1 
HETATM 146 O O9    . DM6 B 2 . ? -5.965  -4.908  -0.016  1.00 10.90 ? 7  DM6 A O9    1 
HETATM 147 O O11   . DM6 B 2 . ? -7.567  -1.042  -2.193  1.00 12.32 ? 7  DM6 A O11   1 
HETATM 148 O O12   . DM6 B 2 . ? -6.619  1.027   -3.361  1.00 14.41 ? 7  DM6 A O12   1 
HETATM 149 O O13   . DM6 B 2 . ? -9.214  -5.620  -0.972  1.00 20.15 ? 7  DM6 A O13   1 
HETATM 150 O O14   . DM6 B 2 . ? -8.701  -7.171  1.505   1.00 26.06 ? 7  DM6 A O14   1 
HETATM 151 C "C1'" . DM6 B 2 . ? -3.345  -6.595  -2.621  1.00 14.03 ? 7  DM6 A "C1'" 1 
HETATM 152 C "C2'" . DM6 B 2 . ? -1.951  -6.308  -2.173  1.00 13.76 ? 7  DM6 A "C2'" 1 
HETATM 153 C "C3'" . DM6 B 2 . ? -1.851  -6.295  -0.632  1.00 15.32 ? 7  DM6 A "C3'" 1 
HETATM 154 C "C4'" . DM6 B 2 . ? -2.440  -7.556  -0.061  1.00 23.79 ? 7  DM6 A "C4'" 1 
HETATM 155 C "C5'" . DM6 B 2 . ? -3.843  -7.762  -0.566  1.00 31.43 ? 7  DM6 A "C5'" 1 
HETATM 156 C "C6'" . DM6 B 2 . ? -4.509  -9.070  -0.081  1.00 25.56 ? 7  DM6 A "C6'" 1 
HETATM 157 O "O4'" . DM6 B 2 . ? -2.299  -7.606  1.336   1.00 27.41 ? 7  DM6 A "O4'" 1 
HETATM 158 O "O5'" . DM6 B 2 . ? -3.859  -7.797  -2.010  1.00 25.60 ? 7  DM6 A "O5'" 1 
HETATM 159 N "N3'" . DM6 B 2 . ? -0.401  -6.241  -0.300  1.00 22.16 ? 7  DM6 A "N3'" 1 
HETATM 160 O O     . HOH C 3 . ? 2.878   0.253   15.610  1.00 28.52 ? 8  HOH A O     1 
HETATM 161 O O     . HOH C 3 . ? -2.713  -2.185  -8.889  1.00 22.44 ? 9  HOH A O     1 
HETATM 162 O O     . HOH C 3 . ? 1.464   6.451   -0.643  1.00 37.25 ? 10 HOH A O     1 
HETATM 163 O O     . HOH C 3 . ? 2.264   -0.264  -7.374  1.00 19.79 ? 11 HOH A O     1 
HETATM 164 O O     . HOH C 3 . ? -7.733  -8.025  -5.102  1.00 23.57 ? 12 HOH A O     1 
HETATM 165 O O     . HOH C 3 . ? 3.146   6.362   -2.612  1.00 39.09 ? 13 HOH A O     1 
HETATM 166 O O     . HOH C 3 . ? 2.291   3.262   -4.807  1.00 29.69 ? 14 HOH A O     1 
HETATM 167 O O     . HOH C 3 . ? 0.428   8.585   7.348   1.00 34.11 ? 15 HOH A O     1 
HETATM 168 O O     . HOH C 3 . ? -2.402  3.429   5.280   1.00 25.42 ? 16 HOH A O     1 
HETATM 169 O O     . HOH C 3 . ? 0.194   4.061   -0.781  1.00 31.00 ? 17 HOH A O     1 
HETATM 170 O O     . HOH C 3 . ? 0.099   -5.600  2.096   1.00 31.06 ? 18 HOH A O     1 
HETATM 171 O O     . HOH C 3 . ? 7.096   8.449   2.961   1.00 27.32 ? 19 HOH A O     1 
HETATM 172 O O     . HOH C 3 . ? -3.344  1.206   7.980   1.00 40.81 ? 20 HOH A O     1 
HETATM 173 O O     . HOH C 3 . ? -7.853  3.441   -2.227  1.00 34.79 ? 21 HOH A O     1 
HETATM 174 O O     . HOH C 3 . ? -4.670  -0.033  -9.504  1.00 34.53 ? 22 HOH A O     1 
HETATM 175 O O     . HOH C 3 . ? -1.269  4.311   -3.475  1.00 42.82 ? 23 HOH A O     1 
HETATM 176 O O     . HOH C 3 . ? -1.721  4.813   9.219   1.00 38.90 ? 24 HOH A O     1 
HETATM 177 O O     . HOH C 3 . ? 0.753   -4.694  -1.668  1.00 21.30 ? 25 HOH A O     1 
HETATM 178 O O     . HOH C 3 . ? 0.605   7.103   14.714  1.00 39.68 ? 26 HOH A O     1 
HETATM 179 O O     . HOH C 3 . ? 0.404   0.812   16.285  1.00 67.73 ? 27 HOH A O     1 
HETATM 180 O O     . HOH C 3 . ? 9.439   2.859   -2.040  1.00 71.46 ? 28 HOH A O     1 
HETATM 181 O O     . HOH C 3 . ? -5.844  -9.494  -3.636  1.00 54.10 ? 29 HOH A O     1 
HETATM 182 O O     . HOH C 3 . ? -7.498  -9.525  2.510   1.00 33.35 ? 30 HOH A O     1 
HETATM 183 O O     . HOH C 3 . ? -10.204 -7.714  -5.743  1.00 82.73 ? 31 HOH A O     1 
HETATM 184 O O     . HOH C 3 . ? 3.734   -6.776  -8.452  1.00 41.21 ? 32 HOH A O     1 
HETATM 185 O O     . HOH C 3 . ? -0.194  -3.323  -10.193 1.00 46.19 ? 33 HOH A O     1 
HETATM 186 O O     . HOH C 3 . ? -1.715  -6.836  -10.935 1.00 41.73 ? 34 HOH A O     1 
HETATM 187 O O     . HOH C 3 . ? 2.262   -8.177  -4.976  1.00 49.02 ? 35 HOH A O     1 
HETATM 188 O O     . HOH C 3 . ? 8.292   2.205   -5.435  1.00 59.37 ? 36 HOH A O     1 
HETATM 189 O O     . HOH C 3 . ? -0.206  -2.477  15.988  1.00 55.05 ? 37 HOH A O     1 
HETATM 190 O O     . HOH C 3 . ? 3.621   -7.211  2.712   1.00 60.87 ? 38 HOH A O     1 
HETATM 191 O O     . HOH C 3 . ? -0.508  7.870   10.019  1.00 53.95 ? 39 HOH A O     1 
HETATM 192 O O     . HOH C 3 . ? 1.900   -1.992  -9.560  1.00 65.34 ? 40 HOH A O     1 
# 
